data_5JA7
#
_entry.id   5JA7
#
_cell.length_a   31.620
_cell.length_b   74.070
_cell.length_c   90.040
_cell.angle_alpha   90.000
_cell.angle_beta   99.290
_cell.angle_gamma   90.000
#
_symmetry.space_group_name_H-M   'P 1 21 1'
#
loop_
_entity.id
_entity.type
_entity.pdbx_description
1 polymer 'Cathepsin K'
2 non-polymer "[([1,1'-biphenyl]-2-yl)methyl]propanedioic acid"
3 non-polymer 'SULFATE ION'
4 non-polymer GLYCEROL
5 non-polymer 'ACETATE ION'
6 water water
#
_entity_poly.entity_id   1
_entity_poly.type   'polypeptide(L)'
_entity_poly.pdbx_seq_one_letter_code
;YIPEWEGRAPDSVDYRKKGYVTPVKNQGQCGSSWAFSSVGALEGQLKKKTGKLLNLSPQNLVDCVSENDGCGGGYMTNAF
QYVQKNRGIDSEDAYPYVGQEESCMYNPTGKAAKCRGYREIPEGNEKALKRAVARVGPVSVAIDASLTSFQFYSKGVYYD
ESCNSDNLNHAVLAVGYGIQKGNKHWIIKNSWGENWGNKGYILMARNKNNACGIANLASFPKM
;
_entity_poly.pdbx_strand_id   A,B
#
# COMPACT_ATOMS: atom_id res chain seq x y z
N ILE A 2 -24.06 16.07 -29.91
CA ILE A 2 -24.21 14.62 -30.06
C ILE A 2 -24.13 13.92 -28.70
N PRO A 3 -25.25 13.94 -27.97
CA PRO A 3 -25.31 13.30 -26.66
C PRO A 3 -25.13 11.80 -26.77
N GLU A 4 -24.70 11.21 -25.64
CA GLU A 4 -24.25 9.82 -25.61
C GLU A 4 -25.21 8.87 -26.32
N TRP A 5 -26.51 8.96 -25.98
CA TRP A 5 -27.55 8.12 -26.56
C TRP A 5 -27.95 8.56 -27.97
N GLU A 6 -27.14 9.37 -28.64
CA GLU A 6 -27.49 9.96 -29.92
C GLU A 6 -26.27 10.01 -30.82
N GLY A 7 -26.48 9.72 -32.10
CA GLY A 7 -25.42 9.87 -33.07
C GLY A 7 -24.65 8.59 -33.32
N ARG A 8 -23.51 8.73 -33.98
CA ARG A 8 -22.84 7.57 -34.54
C ARG A 8 -21.92 6.87 -33.56
N ALA A 9 -22.36 5.76 -32.97
CA ALA A 9 -21.40 5.02 -32.16
C ALA A 9 -20.44 4.22 -33.05
N PRO A 10 -19.17 4.14 -32.69
CA PRO A 10 -18.20 3.45 -33.54
C PRO A 10 -18.45 1.95 -33.59
N ASP A 11 -17.93 1.32 -34.64
CA ASP A 11 -18.11 -0.12 -34.82
C ASP A 11 -17.43 -0.92 -33.73
N SER A 12 -16.28 -0.46 -33.24
CA SER A 12 -15.54 -1.19 -32.22
C SER A 12 -14.84 -0.19 -31.30
N VAL A 13 -14.65 -0.62 -30.06
CA VAL A 13 -14.02 0.16 -29.00
C VAL A 13 -13.22 -0.80 -28.15
N ASP A 14 -12.01 -0.42 -27.77
CA ASP A 14 -11.23 -1.25 -26.84
C ASP A 14 -10.43 -0.33 -25.92
N TYR A 15 -10.92 -0.13 -24.69
CA TYR A 15 -10.25 0.83 -23.82
C TYR A 15 -8.91 0.33 -23.30
N ARG A 16 -8.59 -0.95 -23.46
CA ARG A 16 -7.27 -1.43 -23.07
C ARG A 16 -6.18 -0.74 -23.87
N LYS A 17 -6.46 -0.50 -25.16
CA LYS A 17 -5.55 0.17 -26.08
C LYS A 17 -5.38 1.65 -25.77
N LYS A 18 -6.23 2.19 -24.92
CA LYS A 18 -6.23 3.63 -24.67
C LYS A 18 -5.70 4.00 -23.28
N GLY A 19 -5.18 3.02 -22.54
CA GLY A 19 -4.65 3.30 -21.23
C GLY A 19 -5.70 3.53 -20.16
N TYR A 20 -6.91 2.98 -20.35
CA TYR A 20 -8.01 3.13 -19.40
C TYR A 20 -8.14 1.98 -18.43
N VAL A 21 -7.41 0.88 -18.62
CA VAL A 21 -7.68 -0.38 -17.92
C VAL A 21 -6.42 -0.82 -17.19
N THR A 22 -6.55 -1.07 -15.89
CA THR A 22 -5.47 -1.57 -15.06
C THR A 22 -5.28 -3.08 -15.27
N PRO A 23 -4.19 -3.65 -14.78
CA PRO A 23 -3.98 -5.10 -14.95
C PRO A 23 -5.11 -5.92 -14.34
N VAL A 24 -5.30 -7.12 -14.91
CA VAL A 24 -6.28 -8.06 -14.39
C VAL A 24 -5.91 -8.48 -12.98
N LYS A 25 -6.90 -8.48 -12.08
CA LYS A 25 -6.72 -8.84 -10.68
C LYS A 25 -7.31 -10.23 -10.42
N ASN A 26 -7.08 -10.72 -9.20
CA ASN A 26 -7.61 -12.02 -8.77
C ASN A 26 -8.34 -11.83 -7.44
N GLN A 27 -9.67 -12.00 -7.47
CA GLN A 27 -10.47 -11.85 -6.25
C GLN A 27 -10.26 -12.98 -5.26
N GLY A 28 -9.65 -14.09 -5.68
CA GLY A 28 -9.43 -15.19 -4.76
C GLY A 28 -10.73 -15.84 -4.33
N GLN A 29 -10.71 -16.39 -3.12
CA GLN A 29 -11.83 -17.16 -2.59
C GLN A 29 -12.99 -16.29 -2.12
N CYS A 30 -12.86 -14.98 -2.21
CA CYS A 30 -13.85 -14.05 -1.68
C CYS A 30 -14.80 -13.62 -2.78
N GLY A 31 -16.09 -13.58 -2.47
CA GLY A 31 -17.12 -13.24 -3.44
C GLY A 31 -17.32 -11.76 -3.66
N SER A 32 -16.25 -11.09 -4.08
CA SER A 32 -16.18 -9.64 -4.13
C SER A 32 -16.04 -9.11 -5.55
N SER A 33 -16.47 -9.89 -6.55
CA SER A 33 -16.38 -9.39 -7.93
C SER A 33 -17.10 -8.05 -8.08
N TRP A 34 -18.14 -7.81 -7.27
CA TRP A 34 -18.82 -6.52 -7.32
C TRP A 34 -17.88 -5.37 -7.02
N ALA A 35 -16.93 -5.58 -6.12
CA ALA A 35 -15.96 -4.54 -5.76
C ALA A 35 -14.89 -4.39 -6.84
N PHE A 36 -14.48 -5.49 -7.47
CA PHE A 36 -13.54 -5.40 -8.58
C PHE A 36 -14.17 -4.75 -9.80
N SER A 37 -15.42 -5.09 -10.10
CA SER A 37 -16.13 -4.44 -11.20
C SER A 37 -16.27 -2.93 -10.94
N SER A 38 -16.62 -2.57 -9.70
CA SER A 38 -16.77 -1.17 -9.33
C SER A 38 -15.46 -0.40 -9.49
N VAL A 39 -14.36 -0.93 -8.93
CA VAL A 39 -13.11 -0.19 -9.02
C VAL A 39 -12.66 -0.09 -10.47
N GLY A 40 -12.94 -1.11 -11.28
CA GLY A 40 -12.60 -1.03 -12.69
C GLY A 40 -13.26 0.15 -13.38
N ALA A 41 -14.56 0.34 -13.12
CA ALA A 41 -15.26 1.46 -13.75
C ALA A 41 -14.76 2.78 -13.22
N LEU A 42 -14.42 2.85 -11.93
CA LEU A 42 -13.89 4.08 -11.36
C LEU A 42 -12.50 4.36 -11.90
N GLU A 43 -11.68 3.32 -12.06
CA GLU A 43 -10.34 3.49 -12.64
C GLU A 43 -10.42 4.11 -14.03
N GLY A 44 -11.39 3.67 -14.84
CA GLY A 44 -11.55 4.23 -16.17
C GLY A 44 -11.93 5.69 -16.15
N GLN A 45 -12.83 6.07 -15.25
CA GLN A 45 -13.23 7.48 -15.20
C GLN A 45 -12.12 8.34 -14.61
N LEU A 46 -11.34 7.78 -13.68
CA LEU A 46 -10.21 8.51 -13.11
C LEU A 46 -9.16 8.79 -14.16
N LYS A 47 -8.87 7.79 -15.00
CA LYS A 47 -7.95 8.01 -16.12
C LYS A 47 -8.47 9.10 -17.05
N LYS A 48 -9.75 9.03 -17.40
CA LYS A 48 -10.34 9.98 -18.33
C LYS A 48 -10.30 11.40 -17.77
N LYS A 49 -10.49 11.54 -16.45
CA LYS A 49 -10.59 12.85 -15.82
C LYS A 49 -9.21 13.47 -15.56
N THR A 50 -8.26 12.67 -15.11
CA THR A 50 -6.98 13.18 -14.62
C THR A 50 -5.78 12.77 -15.46
N GLY A 51 -5.95 11.83 -16.39
CA GLY A 51 -4.86 11.32 -17.18
C GLY A 51 -4.01 10.26 -16.51
N LYS A 52 -4.24 9.96 -15.23
CA LYS A 52 -3.44 8.98 -14.52
C LYS A 52 -4.24 7.71 -14.31
N LEU A 53 -3.58 6.56 -14.50
CA LEU A 53 -4.17 5.26 -14.27
C LEU A 53 -3.59 4.69 -12.99
N LEU A 54 -4.46 4.36 -12.03
CA LEU A 54 -4.04 3.92 -10.71
C LEU A 54 -4.97 2.80 -10.25
N ASN A 55 -4.41 1.76 -9.62
CA ASN A 55 -5.24 0.72 -9.02
C ASN A 55 -6.01 1.33 -7.84
N LEU A 56 -7.33 1.21 -7.85
CA LEU A 56 -8.14 1.61 -6.71
C LEU A 56 -8.47 0.38 -5.85
N SER A 57 -8.97 0.63 -4.63
CA SER A 57 -9.00 -0.40 -3.60
C SER A 57 -10.33 -1.15 -3.56
N PRO A 58 -10.42 -2.39 -4.05
CA PRO A 58 -11.66 -3.17 -3.81
C PRO A 58 -11.88 -3.49 -2.35
N GLN A 59 -10.81 -3.64 -1.56
CA GLN A 59 -10.96 -3.94 -0.13
C GLN A 59 -11.67 -2.80 0.60
N ASN A 60 -11.32 -1.56 0.25
CA ASN A 60 -12.04 -0.38 0.75
C ASN A 60 -13.54 -0.56 0.55
N LEU A 61 -13.97 -1.08 -0.60
CA LEU A 61 -15.39 -1.30 -0.82
C LEU A 61 -15.91 -2.49 -0.02
N VAL A 62 -15.19 -3.60 -0.03
CA VAL A 62 -15.61 -4.80 0.70
C VAL A 62 -15.84 -4.46 2.17
N ASP A 63 -14.93 -3.69 2.77
CA ASP A 63 -15.02 -3.42 4.20
C ASP A 63 -16.05 -2.35 4.56
N CYS A 64 -16.27 -1.38 3.69
CA CYS A 64 -16.92 -0.14 4.08
C CYS A 64 -18.30 0.08 3.49
N VAL A 65 -18.70 -0.64 2.44
CA VAL A 65 -20.03 -0.48 1.87
C VAL A 65 -20.95 -1.39 2.69
N SER A 66 -21.58 -0.80 3.71
CA SER A 66 -22.11 -1.59 4.82
C SER A 66 -23.27 -2.48 4.41
N GLU A 67 -24.10 -2.01 3.47
CA GLU A 67 -25.24 -2.81 3.02
C GLU A 67 -24.89 -3.86 1.98
N ASN A 68 -23.78 -3.72 1.25
CA ASN A 68 -23.33 -4.85 0.47
C ASN A 68 -22.82 -5.93 1.43
N ASP A 69 -22.70 -7.15 0.93
CA ASP A 69 -22.41 -8.31 1.77
C ASP A 69 -20.93 -8.71 1.76
N GLY A 70 -20.03 -7.75 1.58
CA GLY A 70 -18.61 -8.06 1.53
C GLY A 70 -18.25 -9.17 0.56
N CYS A 71 -17.74 -10.28 1.10
CA CYS A 71 -17.43 -11.47 0.29
C CYS A 71 -18.67 -12.26 -0.06
N GLY A 72 -19.84 -11.82 0.37
CA GLY A 72 -21.09 -12.46 0.06
C GLY A 72 -21.88 -11.81 -1.06
N GLY A 73 -21.30 -10.86 -1.77
CA GLY A 73 -21.99 -10.21 -2.87
C GLY A 73 -22.26 -8.75 -2.60
N GLY A 74 -22.76 -8.08 -3.64
CA GLY A 74 -23.00 -6.66 -3.57
C GLY A 74 -23.36 -6.11 -4.92
N TYR A 75 -23.82 -4.85 -4.90
CA TYR A 75 -24.23 -4.11 -6.09
C TYR A 75 -23.22 -3.00 -6.34
N MET A 76 -22.81 -2.86 -7.61
CA MET A 76 -21.89 -1.80 -7.98
C MET A 76 -22.50 -0.42 -7.78
N THR A 77 -23.81 -0.28 -8.03
CA THR A 77 -24.49 0.99 -7.78
C THR A 77 -24.29 1.43 -6.34
N ASN A 78 -24.42 0.50 -5.39
CA ASN A 78 -24.19 0.81 -3.98
C ASN A 78 -22.74 1.21 -3.74
N ALA A 79 -21.80 0.57 -4.45
CA ALA A 79 -20.40 0.93 -4.29
C ALA A 79 -20.11 2.36 -4.76
N PHE A 80 -20.67 2.75 -5.92
CA PHE A 80 -20.48 4.11 -6.40
C PHE A 80 -21.09 5.12 -5.43
N GLN A 81 -22.27 4.80 -4.88
CA GLN A 81 -22.91 5.72 -3.95
C GLN A 81 -22.08 5.88 -2.69
N TYR A 82 -21.46 4.80 -2.21
CA TYR A 82 -20.57 4.91 -1.06
C TYR A 82 -19.43 5.88 -1.34
N VAL A 83 -18.78 5.74 -2.50
CA VAL A 83 -17.65 6.60 -2.80
C VAL A 83 -18.09 8.06 -2.88
N GLN A 84 -19.27 8.30 -3.43
CA GLN A 84 -19.81 9.66 -3.47
C GLN A 84 -20.02 10.20 -2.06
N LYS A 85 -20.74 9.46 -1.22
CA LYS A 85 -21.06 9.96 0.12
C LYS A 85 -19.83 10.05 1.00
N ASN A 86 -18.88 9.12 0.81
CA ASN A 86 -17.64 9.07 1.58
C ASN A 86 -16.68 10.17 1.16
N ARG A 87 -16.93 10.82 0.03
CA ARG A 87 -16.03 11.81 -0.57
C ARG A 87 -14.68 11.21 -0.95
N GLY A 88 -14.64 9.90 -1.24
CA GLY A 88 -13.42 9.33 -1.80
C GLY A 88 -13.37 7.83 -1.68
N ILE A 89 -12.40 7.27 -2.39
CA ILE A 89 -11.99 5.86 -2.30
C ILE A 89 -10.47 5.83 -2.27
N ASP A 90 -9.91 4.92 -1.46
CA ASP A 90 -8.46 4.78 -1.39
C ASP A 90 -7.89 4.02 -2.58
N SER A 91 -6.60 4.24 -2.82
CA SER A 91 -5.86 3.44 -3.77
C SER A 91 -5.66 2.02 -3.23
N GLU A 92 -5.38 1.10 -4.15
CA GLU A 92 -5.01 -0.25 -3.75
C GLU A 92 -3.78 -0.24 -2.83
N ASP A 93 -2.77 0.55 -3.18
CA ASP A 93 -1.55 0.59 -2.36
C ASP A 93 -1.85 1.06 -0.94
N ALA A 94 -2.77 2.01 -0.78
CA ALA A 94 -3.09 2.54 0.55
C ALA A 94 -4.02 1.64 1.34
N TYR A 95 -4.75 0.76 0.66
CA TYR A 95 -5.77 -0.07 1.29
C TYR A 95 -5.79 -1.39 0.55
N PRO A 96 -4.83 -2.27 0.85
CA PRO A 96 -4.59 -3.44 0.00
C PRO A 96 -5.59 -4.57 0.18
N TYR A 97 -5.71 -5.39 -0.87
CA TYR A 97 -6.69 -6.46 -0.90
C TYR A 97 -6.27 -7.63 -0.02
N VAL A 98 -7.19 -8.08 0.84
CA VAL A 98 -6.93 -9.20 1.73
C VAL A 98 -7.74 -10.44 1.36
N GLY A 99 -8.90 -10.28 0.71
CA GLY A 99 -9.68 -11.43 0.34
C GLY A 99 -10.63 -11.91 1.42
N GLN A 100 -10.90 -11.07 2.41
CA GLN A 100 -11.89 -11.37 3.44
C GLN A 100 -12.36 -10.05 3.99
N GLU A 101 -13.59 -10.01 4.45
CA GLU A 101 -14.14 -8.76 4.96
C GLU A 101 -13.51 -8.45 6.31
N GLU A 102 -13.13 -7.19 6.50
CA GLU A 102 -12.55 -6.70 7.73
C GLU A 102 -13.25 -5.40 8.13
N SER A 103 -12.88 -4.86 9.30
CA SER A 103 -13.41 -3.57 9.71
C SER A 103 -12.97 -2.48 8.74
N CYS A 104 -13.86 -1.53 8.50
CA CYS A 104 -13.55 -0.41 7.61
C CYS A 104 -12.36 0.38 8.14
N MET A 105 -11.34 0.53 7.29
CA MET A 105 -10.09 1.22 7.59
C MET A 105 -9.83 2.37 6.62
N TYR A 106 -10.88 2.97 6.05
CA TYR A 106 -10.68 4.03 5.07
C TYR A 106 -9.90 5.19 5.66
N ASN A 107 -8.97 5.72 4.87
CA ASN A 107 -8.14 6.85 5.31
C ASN A 107 -8.12 7.90 4.21
N PRO A 108 -8.58 9.12 4.47
CA PRO A 108 -8.55 10.16 3.42
C PRO A 108 -7.16 10.43 2.88
N THR A 109 -6.10 10.16 3.66
CA THR A 109 -4.75 10.40 3.15
C THR A 109 -4.46 9.56 1.92
N GLY A 110 -5.05 8.38 1.83
CA GLY A 110 -4.88 7.51 0.69
C GLY A 110 -5.92 7.68 -0.40
N LYS A 111 -6.77 8.71 -0.31
CA LYS A 111 -7.81 8.94 -1.31
C LYS A 111 -7.20 9.09 -2.70
N ALA A 112 -7.77 8.37 -3.66
CA ALA A 112 -7.26 8.41 -5.02
C ALA A 112 -8.33 8.75 -6.06
N ALA A 113 -9.61 8.69 -5.73
CA ALA A 113 -10.67 9.08 -6.65
C ALA A 113 -11.89 9.52 -5.87
N LYS A 114 -12.75 10.27 -6.54
CA LYS A 114 -14.04 10.68 -6.01
C LYS A 114 -15.13 10.26 -6.98
N CYS A 115 -16.38 10.40 -6.56
CA CYS A 115 -17.51 10.02 -7.39
C CYS A 115 -18.65 11.02 -7.19
N ARG A 116 -19.34 11.35 -8.27
CA ARG A 116 -20.46 12.29 -8.26
C ARG A 116 -21.81 11.60 -8.43
N GLY A 117 -21.86 10.28 -8.33
CA GLY A 117 -23.11 9.59 -8.59
C GLY A 117 -22.92 8.54 -9.65
N TYR A 118 -24.02 8.07 -10.24
CA TYR A 118 -23.92 6.99 -11.22
C TYR A 118 -25.17 7.01 -12.07
N ARG A 119 -25.10 6.28 -13.17
CA ARG A 119 -26.25 6.05 -14.03
C ARG A 119 -26.34 4.56 -14.30
N GLU A 120 -27.57 4.10 -14.44
CA GLU A 120 -27.79 2.73 -14.80
C GLU A 120 -28.20 2.64 -16.28
N ILE A 121 -27.72 1.62 -16.97
CA ILE A 121 -28.17 1.34 -18.35
C ILE A 121 -29.60 0.82 -18.30
N PRO A 122 -30.49 1.25 -19.19
CA PRO A 122 -31.84 0.67 -19.23
C PRO A 122 -31.79 -0.85 -19.34
N GLU A 123 -32.54 -1.50 -18.45
CA GLU A 123 -32.41 -2.94 -18.25
C GLU A 123 -32.60 -3.72 -19.54
N GLY A 124 -31.61 -4.55 -19.88
CA GLY A 124 -31.72 -5.43 -21.02
C GLY A 124 -31.40 -4.81 -22.35
N ASN A 125 -31.03 -3.54 -22.39
CA ASN A 125 -30.89 -2.80 -23.64
C ASN A 125 -29.43 -2.81 -24.04
N GLU A 126 -29.08 -3.66 -25.00
CA GLU A 126 -27.68 -3.76 -25.41
C GLU A 126 -27.24 -2.59 -26.28
N LYS A 127 -28.16 -1.96 -27.04
CA LYS A 127 -27.77 -0.76 -27.77
C LYS A 127 -27.39 0.38 -26.82
N ALA A 128 -28.14 0.54 -25.73
CA ALA A 128 -27.78 1.56 -24.75
C ALA A 128 -26.46 1.24 -24.07
N LEU A 129 -26.22 -0.04 -23.77
CA LEU A 129 -24.92 -0.44 -23.23
C LEU A 129 -23.79 -0.12 -24.21
N LYS A 130 -24.00 -0.36 -25.50
CA LYS A 130 -22.97 -0.06 -26.49
C LYS A 130 -22.67 1.43 -26.53
N ARG A 131 -23.71 2.25 -26.59
CA ARG A 131 -23.49 3.70 -26.62
C ARG A 131 -22.84 4.18 -25.32
N ALA A 132 -23.17 3.54 -24.19
CA ALA A 132 -22.52 3.93 -22.94
C ALA A 132 -21.03 3.58 -22.94
N VAL A 133 -20.69 2.36 -23.36
CA VAL A 133 -19.27 2.00 -23.41
C VAL A 133 -18.53 2.95 -24.34
N ALA A 134 -19.13 3.30 -25.48
CA ALA A 134 -18.43 4.13 -26.44
C ALA A 134 -18.23 5.56 -25.93
N ARG A 135 -19.23 6.10 -25.26
CA ARG A 135 -19.14 7.51 -24.89
C ARG A 135 -18.57 7.75 -23.51
N VAL A 136 -18.68 6.80 -22.58
CA VAL A 136 -18.32 7.02 -21.19
C VAL A 136 -17.00 6.35 -20.85
N GLY A 137 -16.85 5.08 -21.21
CA GLY A 137 -15.70 4.28 -20.87
C GLY A 137 -16.16 2.93 -20.36
N PRO A 138 -15.26 2.20 -19.71
CA PRO A 138 -15.62 0.88 -19.18
C PRO A 138 -16.82 0.94 -18.26
N VAL A 139 -17.72 -0.03 -18.41
CA VAL A 139 -19.00 -0.05 -17.71
C VAL A 139 -19.08 -1.33 -16.87
N SER A 140 -19.50 -1.19 -15.61
CA SER A 140 -19.73 -2.36 -14.75
C SER A 140 -20.96 -3.12 -15.19
N VAL A 141 -20.84 -4.46 -15.28
CA VAL A 141 -21.95 -5.31 -15.66
C VAL A 141 -21.97 -6.57 -14.79
N ALA A 142 -23.15 -7.19 -14.69
CA ALA A 142 -23.32 -8.46 -14.03
C ALA A 142 -23.84 -9.52 -15.00
N ILE A 143 -23.37 -10.76 -14.81
CA ILE A 143 -23.66 -11.85 -15.74
C ILE A 143 -23.87 -13.15 -14.98
N ASP A 144 -24.45 -14.12 -15.68
CA ASP A 144 -24.40 -15.51 -15.24
C ASP A 144 -23.05 -16.09 -15.65
N ALA A 145 -22.18 -16.34 -14.68
CA ALA A 145 -20.87 -16.95 -14.92
C ALA A 145 -20.81 -18.39 -14.41
N SER A 146 -21.96 -19.01 -14.16
CA SER A 146 -21.98 -20.31 -13.49
C SER A 146 -21.73 -21.48 -14.42
N LEU A 147 -21.84 -21.31 -15.73
CA LEU A 147 -21.74 -22.45 -16.63
C LEU A 147 -20.29 -22.92 -16.76
N THR A 148 -20.13 -24.24 -16.87
CA THR A 148 -18.81 -24.80 -17.15
C THR A 148 -18.21 -24.21 -18.42
N SER A 149 -19.05 -23.96 -19.43
CA SER A 149 -18.54 -23.44 -20.70
C SER A 149 -17.92 -22.07 -20.51
N PHE A 150 -18.51 -21.25 -19.63
CA PHE A 150 -17.94 -19.96 -19.31
C PHE A 150 -16.63 -20.11 -18.54
N GLN A 151 -16.66 -20.92 -17.49
CA GLN A 151 -15.51 -20.99 -16.59
C GLN A 151 -14.29 -21.57 -17.28
N PHE A 152 -14.46 -22.40 -18.32
CA PHE A 152 -13.32 -22.96 -19.04
C PHE A 152 -13.19 -22.40 -20.44
N TYR A 153 -13.60 -21.14 -20.60
CA TYR A 153 -13.40 -20.41 -21.84
C TYR A 153 -11.92 -20.15 -22.07
N SER A 154 -11.51 -20.27 -23.31
CA SER A 154 -10.15 -19.93 -23.70
C SER A 154 -10.10 -18.92 -24.83
N LYS A 155 -11.00 -19.01 -25.81
CA LYS A 155 -10.87 -18.18 -26.99
C LYS A 155 -12.20 -18.15 -27.72
N GLY A 156 -12.31 -17.23 -28.66
CA GLY A 156 -13.51 -17.11 -29.46
C GLY A 156 -14.52 -16.17 -28.82
N VAL A 157 -15.68 -16.08 -29.44
CA VAL A 157 -16.80 -15.28 -28.91
C VAL A 157 -17.73 -16.23 -28.17
N TYR A 158 -17.88 -16.02 -26.87
CA TYR A 158 -18.59 -16.95 -26.00
C TYR A 158 -20.11 -16.81 -26.14
N TYR A 159 -20.77 -17.91 -26.48
CA TYR A 159 -22.22 -17.98 -26.44
C TYR A 159 -22.63 -19.36 -25.97
N ASP A 160 -23.56 -19.41 -25.01
CA ASP A 160 -24.13 -20.66 -24.56
C ASP A 160 -25.63 -20.44 -24.35
N GLU A 161 -26.45 -21.19 -25.08
CA GLU A 161 -27.90 -21.05 -24.94
C GLU A 161 -28.37 -21.32 -23.52
N SER A 162 -27.60 -22.05 -22.72
CA SER A 162 -28.01 -22.35 -21.35
C SER A 162 -27.74 -21.22 -20.38
N CYS A 163 -27.06 -20.16 -20.80
CA CYS A 163 -26.80 -19.05 -19.90
C CYS A 163 -28.10 -18.39 -19.48
N ASN A 164 -28.22 -18.10 -18.19
CA ASN A 164 -29.47 -17.64 -17.58
C ASN A 164 -29.38 -16.14 -17.28
N SER A 165 -30.04 -15.33 -18.12
CA SER A 165 -29.98 -13.89 -17.96
C SER A 165 -30.65 -13.42 -16.67
N ASP A 166 -31.36 -14.29 -15.97
CA ASP A 166 -31.96 -13.96 -14.69
C ASP A 166 -31.12 -14.44 -13.50
N ASN A 167 -29.97 -15.05 -13.75
CA ASN A 167 -29.11 -15.55 -12.68
C ASN A 167 -27.81 -14.76 -12.73
N LEU A 168 -27.88 -13.52 -12.24
CA LEU A 168 -26.74 -12.59 -12.31
C LEU A 168 -25.86 -12.83 -11.09
N ASN A 169 -24.93 -13.76 -11.21
CA ASN A 169 -24.16 -14.23 -10.06
C ASN A 169 -22.72 -13.75 -10.06
N HIS A 170 -22.34 -12.83 -10.95
CA HIS A 170 -20.94 -12.49 -11.06
C HIS A 170 -20.81 -11.13 -11.75
N ALA A 171 -19.98 -10.25 -11.17
CA ALA A 171 -19.81 -8.91 -11.71
C ALA A 171 -18.48 -8.78 -12.42
N VAL A 172 -18.48 -8.13 -13.60
CA VAL A 172 -17.29 -7.97 -14.42
C VAL A 172 -17.30 -6.57 -15.04
N LEU A 173 -16.38 -6.31 -15.97
CA LEU A 173 -16.22 -4.96 -16.52
C LEU A 173 -16.20 -5.03 -18.04
N ALA A 174 -17.15 -4.34 -18.68
CA ALA A 174 -17.15 -4.21 -20.13
C ALA A 174 -16.20 -3.10 -20.53
N VAL A 175 -15.07 -3.45 -21.15
CA VAL A 175 -14.04 -2.49 -21.51
C VAL A 175 -14.03 -2.20 -23.01
N GLY A 176 -14.96 -2.77 -23.76
CA GLY A 176 -15.06 -2.45 -25.17
C GLY A 176 -16.07 -3.39 -25.82
N TYR A 177 -16.07 -3.36 -27.15
CA TYR A 177 -16.97 -4.21 -27.94
C TYR A 177 -16.43 -4.23 -29.35
N GLY A 178 -16.90 -5.19 -30.13
CA GLY A 178 -16.46 -5.29 -31.51
C GLY A 178 -17.04 -6.49 -32.20
N ILE A 179 -16.30 -7.06 -33.14
CA ILE A 179 -16.77 -8.19 -33.93
C ILE A 179 -15.56 -9.04 -34.29
N GLN A 180 -15.69 -10.35 -34.16
CA GLN A 180 -14.61 -11.26 -34.45
C GLN A 180 -15.14 -12.38 -35.34
N LYS A 181 -14.60 -12.47 -36.56
CA LYS A 181 -15.03 -13.46 -37.53
C LYS A 181 -16.55 -13.46 -37.68
N GLY A 182 -17.11 -12.25 -37.75
CA GLY A 182 -18.53 -12.10 -38.00
C GLY A 182 -19.40 -12.12 -36.76
N ASN A 183 -18.84 -12.41 -35.59
CA ASN A 183 -19.62 -12.56 -34.35
C ASN A 183 -19.40 -11.35 -33.47
N LYS A 184 -20.47 -10.58 -33.26
CA LYS A 184 -20.40 -9.39 -32.42
C LYS A 184 -20.14 -9.80 -30.97
N HIS A 185 -19.36 -8.98 -30.26
CA HIS A 185 -19.00 -9.33 -28.89
C HIS A 185 -18.86 -8.09 -28.03
N TRP A 186 -18.86 -8.36 -26.72
CA TRP A 186 -18.42 -7.45 -25.65
C TRP A 186 -17.05 -7.90 -25.19
N ILE A 187 -16.17 -6.95 -24.90
CA ILE A 187 -14.86 -7.26 -24.34
C ILE A 187 -14.95 -7.15 -22.83
N ILE A 188 -14.75 -8.27 -22.13
CA ILE A 188 -15.07 -8.39 -20.70
C ILE A 188 -13.80 -8.69 -19.91
N LYS A 189 -13.47 -7.79 -18.98
CA LYS A 189 -12.42 -7.98 -17.99
C LYS A 189 -12.98 -8.71 -16.77
N ASN A 190 -12.44 -9.87 -16.46
CA ASN A 190 -12.82 -10.64 -15.29
C ASN A 190 -11.82 -10.36 -14.15
N SER A 191 -12.06 -10.99 -13.01
CA SER A 191 -11.27 -10.82 -11.80
C SER A 191 -10.88 -12.19 -11.24
N TRP A 192 -10.53 -13.10 -12.15
CA TRP A 192 -10.07 -14.45 -11.82
C TRP A 192 -8.58 -14.64 -12.15
N GLY A 193 -7.84 -13.56 -12.27
CA GLY A 193 -6.42 -13.65 -12.59
C GLY A 193 -6.14 -13.63 -14.08
N GLU A 194 -4.88 -13.32 -14.41
CA GLU A 194 -4.43 -13.32 -15.79
C GLU A 194 -4.37 -14.72 -16.39
N ASN A 195 -4.33 -15.76 -15.55
CA ASN A 195 -4.30 -17.13 -16.06
C ASN A 195 -5.66 -17.62 -16.54
N TRP A 196 -6.73 -16.88 -16.30
CA TRP A 196 -8.05 -17.31 -16.71
C TRP A 196 -8.38 -16.77 -18.10
N GLY A 197 -9.18 -17.53 -18.85
CA GLY A 197 -9.67 -17.06 -20.14
C GLY A 197 -8.53 -16.71 -21.09
N ASN A 198 -8.63 -15.55 -21.72
CA ASN A 198 -7.61 -15.06 -22.64
C ASN A 198 -6.90 -13.90 -21.94
N LYS A 199 -5.85 -14.24 -21.18
CA LYS A 199 -5.08 -13.27 -20.40
C LYS A 199 -5.98 -12.48 -19.44
N GLY A 200 -7.01 -13.15 -18.93
CA GLY A 200 -7.93 -12.57 -17.97
C GLY A 200 -9.23 -12.06 -18.55
N TYR A 201 -9.39 -12.12 -19.87
CA TYR A 201 -10.52 -11.53 -20.57
C TYR A 201 -11.35 -12.61 -21.24
N ILE A 202 -12.62 -12.27 -21.50
CA ILE A 202 -13.49 -13.10 -22.31
C ILE A 202 -14.22 -12.19 -23.30
N LEU A 203 -14.40 -12.66 -24.53
CA LEU A 203 -15.29 -12.00 -25.48
C LEU A 203 -16.66 -12.67 -25.40
N MET A 204 -17.67 -11.90 -25.04
CA MET A 204 -19.02 -12.43 -24.83
C MET A 204 -19.98 -11.96 -25.92
N ALA A 205 -20.82 -12.87 -26.40
CA ALA A 205 -21.71 -12.57 -27.53
C ALA A 205 -22.53 -11.31 -27.29
N ARG A 206 -22.59 -10.46 -28.30
CA ARG A 206 -23.30 -9.19 -28.25
C ARG A 206 -24.44 -9.23 -29.27
N ASN A 207 -25.58 -8.61 -28.89
CA ASN A 207 -26.80 -8.59 -29.71
C ASN A 207 -27.33 -10.00 -29.98
N LYS A 208 -27.11 -10.90 -29.03
CA LYS A 208 -27.64 -12.25 -29.10
C LYS A 208 -28.61 -12.47 -27.96
N ASN A 209 -29.68 -11.65 -27.93
CA ASN A 209 -30.74 -11.72 -26.93
C ASN A 209 -30.18 -11.56 -25.51
N ASN A 210 -29.35 -10.54 -25.32
CA ASN A 210 -28.87 -10.17 -23.98
C ASN A 210 -28.27 -11.39 -23.28
N ALA A 211 -27.36 -12.05 -24.00
CA ALA A 211 -26.80 -13.33 -23.55
C ALA A 211 -26.12 -13.21 -22.19
N CYS A 212 -26.42 -14.16 -21.31
CA CYS A 212 -25.90 -14.19 -19.94
C CYS A 212 -26.32 -12.97 -19.12
N GLY A 213 -27.27 -12.17 -19.60
CA GLY A 213 -27.79 -11.06 -18.80
C GLY A 213 -26.93 -9.82 -18.81
N ILE A 214 -26.08 -9.69 -19.83
CA ILE A 214 -24.98 -8.73 -19.87
C ILE A 214 -25.47 -7.30 -19.71
N ALA A 215 -26.69 -6.99 -20.17
CA ALA A 215 -27.23 -5.64 -20.02
C ALA A 215 -28.31 -5.52 -18.95
N ASN A 216 -28.43 -6.49 -18.06
CA ASN A 216 -29.53 -6.43 -17.08
C ASN A 216 -29.17 -5.68 -15.80
N LEU A 217 -27.88 -5.45 -15.54
CA LEU A 217 -27.44 -4.82 -14.30
C LEU A 217 -26.14 -4.07 -14.58
N ALA A 218 -26.21 -3.14 -15.53
CA ALA A 218 -25.07 -2.37 -16.01
C ALA A 218 -25.15 -0.95 -15.49
N SER A 219 -24.00 -0.39 -15.10
CA SER A 219 -23.96 0.95 -14.55
C SER A 219 -22.54 1.53 -14.69
N PHE A 220 -22.45 2.85 -14.60
CA PHE A 220 -21.16 3.52 -14.59
C PHE A 220 -21.18 4.66 -13.60
N PRO A 221 -20.05 4.96 -12.96
CA PRO A 221 -19.97 6.10 -12.06
C PRO A 221 -19.77 7.39 -12.84
N LYS A 222 -20.33 8.46 -12.29
CA LYS A 222 -20.04 9.79 -12.76
C LYS A 222 -18.92 10.37 -11.92
N MET A 223 -18.01 11.09 -12.56
CA MET A 223 -16.84 11.60 -11.88
C MET A 223 -16.44 12.97 -12.41
N TYR B 1 9.59 27.15 0.17
CA TYR B 1 10.01 25.84 0.68
C TYR B 1 8.87 24.83 0.60
N ILE B 2 9.17 23.62 0.13
CA ILE B 2 8.23 22.50 0.12
C ILE B 2 8.50 21.68 1.38
N PRO B 3 7.55 21.57 2.31
CA PRO B 3 7.82 20.80 3.53
C PRO B 3 8.05 19.33 3.22
N GLU B 4 8.63 18.62 4.19
CA GLU B 4 9.14 17.27 3.91
C GLU B 4 8.01 16.31 3.49
N TRP B 5 6.84 16.43 4.11
CA TRP B 5 5.74 15.49 3.81
C TRP B 5 5.17 15.68 2.42
N GLU B 6 5.52 16.77 1.77
CA GLU B 6 4.94 17.20 0.51
C GLU B 6 5.97 17.01 -0.60
N GLY B 7 5.53 16.49 -1.73
CA GLY B 7 6.38 16.51 -2.90
C GLY B 7 7.39 15.37 -2.95
N ARG B 8 7.86 15.13 -4.17
CA ARG B 8 8.74 14.01 -4.49
C ARG B 8 10.05 13.98 -3.72
N ALA B 9 10.48 12.75 -3.45
CA ALA B 9 11.75 12.44 -2.84
C ALA B 9 12.73 11.93 -3.89
N PRO B 10 14.03 11.99 -3.64
CA PRO B 10 14.99 11.41 -4.59
C PRO B 10 14.79 9.91 -4.71
N ASP B 11 15.27 9.36 -5.85
CA ASP B 11 15.07 7.94 -6.12
C ASP B 11 15.85 7.06 -5.15
N SER B 12 16.96 7.56 -4.62
CA SER B 12 17.83 6.79 -3.74
C SER B 12 18.46 7.73 -2.74
N VAL B 13 18.65 7.23 -1.51
CA VAL B 13 19.30 7.96 -0.43
C VAL B 13 20.14 6.96 0.35
N ASP B 14 21.34 7.36 0.76
CA ASP B 14 22.15 6.48 1.62
C ASP B 14 23.00 7.35 2.53
N TYR B 15 22.56 7.50 3.78
CA TYR B 15 23.26 8.40 4.70
C TYR B 15 24.59 7.84 5.17
N ARG B 16 24.88 6.56 4.94
CA ARG B 16 26.16 6.03 5.40
C ARG B 16 27.31 6.71 4.68
N LYS B 17 27.11 7.01 3.39
CA LYS B 17 28.11 7.66 2.54
C LYS B 17 28.27 9.14 2.84
N LYS B 18 27.35 9.72 3.61
CA LYS B 18 27.29 11.16 3.82
C LYS B 18 27.86 11.59 5.16
N GLY B 19 28.37 10.64 5.95
CA GLY B 19 28.90 10.98 7.26
C GLY B 19 27.82 11.20 8.29
N TYR B 20 26.64 10.65 8.05
CA TYR B 20 25.49 10.83 8.93
C TYR B 20 25.25 9.66 9.86
N VAL B 21 26.00 8.56 9.71
CA VAL B 21 25.73 7.32 10.44
C VAL B 21 27.00 6.87 11.15
N THR B 22 26.90 6.63 12.45
CA THR B 22 28.02 6.15 13.24
C THR B 22 28.24 4.66 13.01
N PRO B 23 29.34 4.11 13.51
CA PRO B 23 29.57 2.66 13.37
C PRO B 23 28.44 1.81 13.94
N VAL B 24 28.31 0.61 13.38
CA VAL B 24 27.32 -0.35 13.87
C VAL B 24 27.71 -0.80 15.28
N LYS B 25 26.74 -0.78 16.19
CA LYS B 25 26.94 -1.17 17.58
C LYS B 25 26.41 -2.59 17.82
N ASN B 26 26.70 -3.10 19.01
CA ASN B 26 26.21 -4.41 19.44
C ASN B 26 25.51 -4.28 20.78
N GLN B 27 24.19 -4.51 20.80
CA GLN B 27 23.42 -4.40 22.03
C GLN B 27 23.68 -5.55 23.00
N GLY B 28 24.30 -6.63 22.52
CA GLY B 28 24.60 -7.74 23.41
C GLY B 28 23.35 -8.41 23.90
N GLN B 29 23.37 -8.84 25.16
CA GLN B 29 22.32 -9.67 25.74
C GLN B 29 21.12 -8.86 26.25
N CYS B 30 21.08 -7.56 25.97
CA CYS B 30 20.11 -6.65 26.56
C CYS B 30 19.11 -6.23 25.48
N GLY B 31 17.82 -6.23 25.84
CA GLY B 31 16.76 -5.87 24.91
C GLY B 31 16.60 -4.37 24.75
N SER B 32 17.68 -3.73 24.30
CA SER B 32 17.78 -2.28 24.23
C SER B 32 17.84 -1.76 22.79
N SER B 33 17.32 -2.51 21.82
CA SER B 33 17.36 -2.01 20.44
C SER B 33 16.62 -0.68 20.32
N TRP B 34 15.57 -0.46 21.13
CA TRP B 34 14.88 0.83 21.09
C TRP B 34 15.81 1.98 21.41
N ALA B 35 16.78 1.75 22.30
CA ALA B 35 17.71 2.81 22.68
C ALA B 35 18.77 3.02 21.60
N PHE B 36 19.24 1.95 20.97
CA PHE B 36 20.16 2.13 19.84
C PHE B 36 19.48 2.79 18.66
N SER B 37 18.25 2.37 18.34
CA SER B 37 17.49 3.03 17.28
C SER B 37 17.32 4.52 17.57
N SER B 38 17.00 4.87 18.83
CA SER B 38 16.82 6.26 19.20
C SER B 38 18.11 7.06 19.04
N VAL B 39 19.23 6.55 19.55
CA VAL B 39 20.45 7.35 19.45
C VAL B 39 20.89 7.47 18.00
N GLY B 40 20.61 6.45 17.17
CA GLY B 40 20.97 6.54 15.76
C GLY B 40 20.24 7.69 15.08
N ALA B 41 18.97 7.87 15.39
CA ALA B 41 18.24 8.98 14.81
C ALA B 41 18.73 10.31 15.36
N LEU B 42 19.02 10.36 16.67
CA LEU B 42 19.54 11.57 17.28
C LEU B 42 20.89 11.92 16.69
N GLU B 43 21.72 10.90 16.44
CA GLU B 43 23.02 11.10 15.81
C GLU B 43 22.89 11.75 14.45
N GLY B 44 21.90 11.32 13.66
CA GLY B 44 21.71 11.92 12.34
C GLY B 44 21.30 13.37 12.44
N GLN B 45 20.44 13.71 13.41
CA GLN B 45 20.01 15.09 13.52
C GLN B 45 21.10 15.98 14.12
N LEU B 46 21.96 15.44 14.98
CA LEU B 46 23.09 16.20 15.49
C LEU B 46 24.09 16.53 14.38
N LYS B 47 24.35 15.55 13.50
CA LYS B 47 25.21 15.81 12.36
C LYS B 47 24.65 16.92 11.49
N LYS B 48 23.34 16.88 11.22
CA LYS B 48 22.71 17.90 10.39
C LYS B 48 22.83 19.28 11.03
N LYS B 49 22.64 19.35 12.35
CA LYS B 49 22.62 20.62 13.06
C LYS B 49 24.01 21.22 13.22
N THR B 50 24.96 20.42 13.68
CA THR B 50 26.25 20.93 14.12
C THR B 50 27.39 20.57 13.18
N GLY B 51 27.15 19.72 12.18
CA GLY B 51 28.20 19.22 11.33
C GLY B 51 28.97 18.08 11.93
N LYS B 52 28.64 17.73 13.18
CA LYS B 52 29.43 16.76 13.92
C LYS B 52 28.74 15.41 14.07
N LEU B 53 29.50 14.36 13.82
CA LEU B 53 29.04 12.99 14.01
C LEU B 53 29.66 12.44 15.29
N LEU B 54 28.83 12.05 16.25
CA LEU B 54 29.34 11.54 17.51
C LEU B 54 28.43 10.50 18.14
N ASN B 55 29.02 9.40 18.57
CA ASN B 55 28.26 8.34 19.26
C ASN B 55 27.51 8.92 20.45
N LEU B 56 26.20 8.75 20.49
CA LEU B 56 25.43 9.14 21.66
C LEU B 56 25.15 7.91 22.52
N SER B 57 24.68 8.14 23.77
CA SER B 57 24.63 7.07 24.77
C SER B 57 23.31 6.31 24.79
N PRO B 58 23.26 5.07 24.29
CA PRO B 58 22.06 4.25 24.55
C PRO B 58 21.88 3.90 26.01
N GLN B 59 22.97 3.80 26.77
CA GLN B 59 22.85 3.46 28.19
C GLN B 59 22.14 4.55 28.97
N ASN B 60 22.43 5.82 28.65
CA ASN B 60 21.66 6.96 29.15
C ASN B 60 20.16 6.70 29.00
N LEU B 61 19.73 6.21 27.83
CA LEU B 61 18.32 5.97 27.63
C LEU B 61 17.82 4.75 28.41
N VAL B 62 18.58 3.66 28.38
CA VAL B 62 18.18 2.45 29.09
C VAL B 62 17.95 2.76 30.57
N ASP B 63 18.89 3.48 31.18
CA ASP B 63 18.85 3.74 32.62
C ASP B 63 17.83 4.81 33.01
N CYS B 64 17.55 5.80 32.14
CA CYS B 64 16.87 7.02 32.54
C CYS B 64 15.49 7.23 31.95
N VAL B 65 15.12 6.53 30.88
CA VAL B 65 13.77 6.69 30.34
C VAL B 65 12.83 5.81 31.18
N SER B 66 12.26 6.40 32.22
CA SER B 66 11.72 5.57 33.31
C SER B 66 10.43 4.86 32.93
N GLU B 67 9.72 5.29 31.89
CA GLU B 67 8.51 4.56 31.50
C GLU B 67 8.76 3.51 30.43
N ASN B 68 9.95 3.50 29.81
CA ASN B 68 10.37 2.35 29.05
C ASN B 68 10.87 1.28 30.02
N ASP B 69 11.30 0.12 29.49
CA ASP B 69 11.59 -1.04 30.34
C ASP B 69 13.05 -1.48 30.24
N GLY B 70 13.97 -0.54 30.02
CA GLY B 70 15.38 -0.87 30.03
C GLY B 70 15.73 -1.97 29.03
N CYS B 71 16.32 -3.05 29.54
CA CYS B 71 16.64 -4.21 28.72
C CYS B 71 15.43 -5.03 28.35
N GLY B 72 14.23 -4.60 28.74
CA GLY B 72 12.99 -5.28 28.40
C GLY B 72 12.19 -4.62 27.29
N GLY B 73 12.74 -3.62 26.62
CA GLY B 73 12.08 -2.97 25.51
C GLY B 73 11.63 -1.56 25.85
N GLY B 74 11.16 -0.87 24.81
CA GLY B 74 10.73 0.50 25.00
C GLY B 74 10.38 1.14 23.66
N TYR B 75 9.81 2.34 23.76
CA TYR B 75 9.42 3.14 22.61
C TYR B 75 10.45 4.22 22.33
N MET B 76 10.75 4.44 21.04
CA MET B 76 11.71 5.49 20.69
C MET B 76 11.12 6.88 20.87
N THR B 77 9.82 7.02 20.64
CA THR B 77 9.18 8.31 20.92
C THR B 77 9.40 8.71 22.38
N ASN B 78 9.14 7.79 23.33
CA ASN B 78 9.38 8.10 24.73
C ASN B 78 10.83 8.48 25.00
N ALA B 79 11.77 7.86 24.28
CA ALA B 79 13.19 8.22 24.45
C ALA B 79 13.45 9.64 23.96
N PHE B 80 12.89 10.04 22.81
CA PHE B 80 13.06 11.40 22.32
C PHE B 80 12.49 12.40 23.31
N GLN B 81 11.31 12.08 23.86
CA GLN B 81 10.68 12.98 24.83
C GLN B 81 11.53 13.10 26.09
N TYR B 82 12.16 12.00 26.53
CA TYR B 82 13.07 12.07 27.66
C TYR B 82 14.20 13.06 27.40
N VAL B 83 14.87 12.93 26.25
CA VAL B 83 15.98 13.83 25.94
C VAL B 83 15.50 15.28 25.97
N GLN B 84 14.31 15.51 25.43
CA GLN B 84 13.72 16.85 25.44
C GLN B 84 13.52 17.34 26.87
N LYS B 85 12.80 16.57 27.67
CA LYS B 85 12.47 16.99 29.04
C LYS B 85 13.72 17.13 29.92
N ASN B 86 14.71 16.28 29.66
CA ASN B 86 15.94 16.23 30.43
C ASN B 86 16.92 17.32 30.00
N ARG B 87 16.61 18.04 28.93
CA ARG B 87 17.48 19.07 28.34
C ARG B 87 18.82 18.51 27.88
N GLY B 88 18.87 17.22 27.56
CA GLY B 88 20.09 16.67 27.00
C GLY B 88 20.20 15.16 27.00
N ILE B 89 21.13 14.65 26.19
CA ILE B 89 21.56 13.26 26.24
C ILE B 89 23.10 13.26 26.24
N ASP B 90 23.69 12.34 26.99
CA ASP B 90 25.15 12.21 27.05
C ASP B 90 25.70 11.52 25.81
N SER B 91 26.97 11.80 25.53
CA SER B 91 27.72 11.03 24.55
C SER B 91 27.96 9.62 25.05
N GLU B 92 28.23 8.70 24.11
CA GLU B 92 28.62 7.35 24.48
C GLU B 92 29.86 7.37 25.35
N ASP B 93 30.84 8.21 24.99
CA ASP B 93 32.08 8.24 25.76
C ASP B 93 31.86 8.73 27.18
N ALA B 94 30.84 9.59 27.39
CA ALA B 94 30.54 10.13 28.72
C ALA B 94 29.58 9.25 29.52
N TYR B 95 29.02 8.21 28.92
CA TYR B 95 28.05 7.34 29.57
C TYR B 95 28.05 6.01 28.82
N PRO B 96 29.08 5.19 29.00
CA PRO B 96 29.31 4.06 28.09
C PRO B 96 28.36 2.89 28.34
N TYR B 97 28.19 2.11 27.28
CA TYR B 97 27.22 1.02 27.27
C TYR B 97 27.74 -0.18 28.05
N VAL B 98 26.91 -0.70 28.96
CA VAL B 98 27.27 -1.90 29.71
C VAL B 98 26.30 -3.05 29.51
N GLY B 99 25.19 -2.84 28.81
CA GLY B 99 24.32 -3.96 28.50
C GLY B 99 23.51 -4.50 29.66
N GLN B 100 23.28 -3.70 30.68
CA GLN B 100 22.35 -4.05 31.75
C GLN B 100 21.83 -2.76 32.34
N GLU B 101 20.61 -2.81 32.87
CA GLU B 101 20.00 -1.60 33.39
C GLU B 101 20.56 -1.29 34.77
N GLU B 102 20.86 -0.02 34.99
CA GLU B 102 21.39 0.46 36.26
C GLU B 102 20.65 1.73 36.63
N SER B 103 20.96 2.30 37.80
CA SER B 103 20.39 3.59 38.14
C SER B 103 20.81 4.64 37.13
N CYS B 104 19.96 5.65 36.96
CA CYS B 104 20.21 6.71 35.98
C CYS B 104 21.42 7.53 36.42
N MET B 105 22.44 7.58 35.58
CA MET B 105 23.65 8.32 35.90
C MET B 105 23.89 9.47 34.93
N TYR B 106 22.83 10.04 34.38
CA TYR B 106 22.98 11.17 33.48
C TYR B 106 23.79 12.29 34.13
N ASN B 107 24.74 12.82 33.37
CA ASN B 107 25.61 13.90 33.86
C ASN B 107 25.59 15.01 32.84
N PRO B 108 25.13 16.22 33.19
CA PRO B 108 25.08 17.30 32.19
C PRO B 108 26.45 17.69 31.67
N THR B 109 27.52 17.37 32.40
CA THR B 109 28.85 17.67 31.91
C THR B 109 29.16 16.94 30.62
N GLY B 110 28.57 15.76 30.45
CA GLY B 110 28.76 14.94 29.28
C GLY B 110 27.76 15.17 28.17
N LYS B 111 26.89 16.17 28.31
CA LYS B 111 25.84 16.44 27.34
C LYS B 111 26.42 16.61 25.94
N ALA B 112 25.81 15.95 24.96
CA ALA B 112 26.28 16.03 23.59
C ALA B 112 25.19 16.35 22.58
N ALA B 113 23.91 16.25 22.97
CA ALA B 113 22.82 16.61 22.08
C ALA B 113 21.61 16.98 22.91
N LYS B 114 20.70 17.73 22.28
CA LYS B 114 19.43 18.11 22.85
C LYS B 114 18.35 17.71 21.87
N CYS B 115 17.09 17.87 22.30
CA CYS B 115 15.95 17.43 21.50
C CYS B 115 14.80 18.40 21.76
N ARG B 116 14.06 18.73 20.69
CA ARG B 116 12.88 19.58 20.78
C ARG B 116 11.57 18.82 20.58
N GLY B 117 11.57 17.52 20.79
CA GLY B 117 10.36 16.73 20.59
C GLY B 117 10.51 15.72 19.48
N TYR B 118 9.40 15.24 18.92
CA TYR B 118 9.49 14.20 17.90
C TYR B 118 8.26 14.26 17.02
N ARG B 119 8.34 13.55 15.90
CA ARG B 119 7.20 13.37 15.01
C ARG B 119 7.12 11.90 14.61
N GLU B 120 5.89 11.41 14.48
CA GLU B 120 5.64 10.04 14.06
C GLU B 120 5.25 10.00 12.60
N ILE B 121 5.73 8.98 11.90
CA ILE B 121 5.28 8.71 10.53
C ILE B 121 3.87 8.13 10.58
N PRO B 122 2.95 8.58 9.74
CA PRO B 122 1.61 7.98 9.72
C PRO B 122 1.68 6.47 9.52
N GLU B 123 0.94 5.76 10.35
CA GLU B 123 1.06 4.31 10.47
C GLU B 123 0.87 3.62 9.12
N GLY B 124 1.86 2.80 8.74
CA GLY B 124 1.80 2.00 7.53
C GLY B 124 2.15 2.72 6.25
N ASN B 125 2.44 4.02 6.30
CA ASN B 125 2.64 4.82 5.11
C ASN B 125 4.11 4.81 4.72
N GLU B 126 4.48 3.91 3.79
CA GLU B 126 5.87 3.86 3.34
C GLU B 126 6.26 5.06 2.49
N LYS B 127 5.29 5.75 1.87
CA LYS B 127 5.62 6.93 1.10
C LYS B 127 6.02 8.07 2.02
N ALA B 128 5.29 8.23 3.12
CA ALA B 128 5.67 9.20 4.13
C ALA B 128 7.04 8.87 4.72
N LEU B 129 7.31 7.58 4.97
CA LEU B 129 8.62 7.20 5.50
C LEU B 129 9.72 7.55 4.52
N LYS B 130 9.50 7.30 3.23
CA LYS B 130 10.52 7.62 2.23
C LYS B 130 10.82 9.12 2.23
N ARG B 131 9.77 9.95 2.28
CA ARG B 131 10.00 11.39 2.26
C ARG B 131 10.71 11.86 3.53
N ALA B 132 10.38 11.24 4.68
CA ALA B 132 11.04 11.63 5.92
C ALA B 132 12.51 11.22 5.91
N VAL B 133 12.83 10.03 5.40
CA VAL B 133 14.23 9.64 5.34
C VAL B 133 14.99 10.58 4.40
N ALA B 134 14.35 10.98 3.29
CA ALA B 134 15.04 11.81 2.31
C ALA B 134 15.28 13.21 2.86
N ARG B 135 14.25 13.81 3.46
CA ARG B 135 14.28 15.22 3.78
C ARG B 135 14.68 15.52 5.22
N VAL B 136 14.53 14.58 6.14
CA VAL B 136 14.88 14.78 7.55
C VAL B 136 16.21 14.12 7.89
N GLY B 137 16.33 12.84 7.59
CA GLY B 137 17.52 12.08 7.93
C GLY B 137 17.11 10.68 8.35
N PRO B 138 18.03 9.93 8.94
CA PRO B 138 17.71 8.57 9.41
C PRO B 138 16.52 8.58 10.38
N VAL B 139 15.62 7.60 10.20
CA VAL B 139 14.36 7.53 10.94
C VAL B 139 14.35 6.24 11.75
N SER B 140 13.93 6.34 13.03
CA SER B 140 13.76 5.17 13.88
C SER B 140 12.54 4.36 13.43
N VAL B 141 12.71 3.04 13.32
CA VAL B 141 11.60 2.17 12.94
C VAL B 141 11.62 0.90 13.78
N ALA B 142 10.45 0.25 13.86
CA ALA B 142 10.30 -1.04 14.52
C ALA B 142 9.77 -2.08 13.53
N ILE B 143 10.20 -3.33 13.70
CA ILE B 143 9.91 -4.39 12.75
C ILE B 143 9.71 -5.69 13.52
N ASP B 144 9.22 -6.70 12.81
CA ASP B 144 9.29 -8.08 13.25
C ASP B 144 10.65 -8.63 12.81
N ALA B 145 11.53 -8.90 13.76
CA ALA B 145 12.85 -9.47 13.47
C ALA B 145 12.99 -10.90 13.96
N SER B 146 11.88 -11.58 14.22
CA SER B 146 11.93 -12.87 14.91
C SER B 146 12.17 -14.04 13.98
N LEU B 147 11.94 -13.89 12.68
CA LEU B 147 12.11 -15.02 11.76
C LEU B 147 13.58 -15.36 11.61
N THR B 148 13.88 -16.67 11.50
CA THR B 148 15.26 -17.07 11.27
C THR B 148 15.78 -16.57 9.93
N SER B 149 14.90 -16.38 8.95
CA SER B 149 15.31 -15.81 7.67
C SER B 149 15.91 -14.41 7.87
N PHE B 150 15.33 -13.62 8.78
CA PHE B 150 15.89 -12.32 9.12
C PHE B 150 17.17 -12.48 9.93
N GLN B 151 17.13 -13.33 10.97
CA GLN B 151 18.25 -13.43 11.89
C GLN B 151 19.52 -13.86 11.18
N PHE B 152 19.41 -14.66 10.12
CA PHE B 152 20.58 -15.13 9.40
C PHE B 152 20.68 -14.55 8.00
N TYR B 153 20.05 -13.39 7.78
CA TYR B 153 20.25 -12.64 6.54
C TYR B 153 21.73 -12.36 6.30
N SER B 154 22.13 -12.40 5.04
CA SER B 154 23.47 -12.07 4.60
C SER B 154 23.52 -11.10 3.43
N LYS B 155 22.62 -11.26 2.44
CA LYS B 155 22.73 -10.57 1.16
C LYS B 155 21.34 -10.39 0.58
N GLY B 156 21.23 -9.40 -0.32
CA GLY B 156 20.03 -9.25 -1.12
C GLY B 156 18.99 -8.35 -0.48
N VAL B 157 17.82 -8.31 -1.12
CA VAL B 157 16.68 -7.58 -0.59
C VAL B 157 15.77 -8.58 0.15
N TYR B 158 15.64 -8.36 1.45
CA TYR B 158 14.96 -9.33 2.32
C TYR B 158 13.44 -9.19 2.26
N TYR B 159 12.76 -10.30 1.96
CA TYR B 159 11.31 -10.37 2.04
C TYR B 159 10.92 -11.76 2.50
N ASP B 160 9.99 -11.82 3.45
CA ASP B 160 9.43 -13.08 3.91
C ASP B 160 7.96 -12.86 4.20
N GLU B 161 7.09 -13.58 3.48
CA GLU B 161 5.65 -13.43 3.64
C GLU B 161 5.18 -13.70 5.07
N SER B 162 5.97 -14.44 5.83
CA SER B 162 5.60 -14.81 7.19
C SER B 162 5.85 -13.69 8.19
N CYS B 163 6.55 -12.62 7.79
CA CYS B 163 6.85 -11.53 8.70
C CYS B 163 5.57 -10.85 9.14
N ASN B 164 5.42 -10.65 10.44
CA ASN B 164 4.16 -10.24 11.03
C ASN B 164 4.23 -8.74 11.31
N SER B 165 3.59 -7.94 10.46
CA SER B 165 3.63 -6.50 10.64
C SER B 165 2.99 -6.05 11.95
N ASP B 166 2.27 -6.93 12.63
CA ASP B 166 1.66 -6.59 13.89
C ASP B 166 2.47 -7.07 15.09
N ASN B 167 3.65 -7.64 14.84
CA ASN B 167 4.53 -8.14 15.89
C ASN B 167 5.82 -7.32 15.87
N LEU B 168 5.74 -6.10 16.40
CA LEU B 168 6.86 -5.15 16.35
C LEU B 168 7.76 -5.37 17.56
N ASN B 169 8.74 -6.25 17.39
CA ASN B 169 9.56 -6.75 18.49
C ASN B 169 11.01 -6.33 18.40
N HIS B 170 11.38 -5.48 17.45
CA HIS B 170 12.78 -5.09 17.30
C HIS B 170 12.83 -3.69 16.72
N ALA B 171 13.70 -2.83 17.26
CA ALA B 171 13.84 -1.46 16.76
C ALA B 171 15.14 -1.30 16.00
N VAL B 172 15.06 -0.62 14.85
CA VAL B 172 16.23 -0.40 14.00
C VAL B 172 16.18 1.02 13.42
N LEU B 173 17.06 1.31 12.46
CA LEU B 173 17.24 2.68 11.95
C LEU B 173 17.22 2.65 10.43
N ALA B 174 16.29 3.39 9.83
CA ALA B 174 16.26 3.47 8.37
C ALA B 174 17.23 4.57 7.94
N VAL B 175 18.33 4.18 7.30
CA VAL B 175 19.38 5.14 6.93
C VAL B 175 19.35 5.44 5.44
N GLY B 176 18.37 4.93 4.71
CA GLY B 176 18.31 5.19 3.28
C GLY B 176 17.34 4.24 2.63
N TYR B 177 17.33 4.27 1.30
CA TYR B 177 16.46 3.42 0.49
C TYR B 177 16.97 3.45 -0.94
N GLY B 178 16.47 2.53 -1.74
CA GLY B 178 16.94 2.45 -3.12
C GLY B 178 16.34 1.28 -3.85
N ILE B 179 17.02 0.83 -4.90
CA ILE B 179 16.63 -0.35 -5.68
C ILE B 179 17.87 -1.20 -5.91
N GLN B 180 17.73 -2.50 -5.72
CA GLN B 180 18.82 -3.44 -5.96
C GLN B 180 18.29 -4.60 -6.80
N LYS B 181 18.92 -4.83 -7.94
CA LYS B 181 18.51 -5.89 -8.88
C LYS B 181 17.00 -5.86 -9.10
N GLY B 182 16.47 -4.66 -9.31
CA GLY B 182 15.08 -4.48 -9.63
C GLY B 182 14.12 -4.40 -8.46
N ASN B 183 14.59 -4.60 -7.23
CA ASN B 183 13.73 -4.68 -6.04
C ASN B 183 13.94 -3.46 -5.16
N LYS B 184 12.85 -2.74 -4.86
CA LYS B 184 12.96 -1.58 -3.99
C LYS B 184 13.25 -2.01 -2.57
N HIS B 185 14.04 -1.21 -1.86
CA HIS B 185 14.40 -1.60 -0.50
C HIS B 185 14.57 -0.38 0.39
N TRP B 186 14.67 -0.69 1.67
CA TRP B 186 15.09 0.18 2.76
C TRP B 186 16.47 -0.25 3.19
N ILE B 187 17.37 0.70 3.43
CA ILE B 187 18.66 0.40 4.05
C ILE B 187 18.52 0.51 5.56
N ILE B 188 18.72 -0.60 6.26
CA ILE B 188 18.39 -0.72 7.69
C ILE B 188 19.66 -0.98 8.49
N LYS B 189 19.95 -0.11 9.45
CA LYS B 189 21.05 -0.31 10.41
C LYS B 189 20.55 -1.09 11.61
N ASN B 190 21.15 -2.25 11.87
CA ASN B 190 20.82 -3.06 13.05
C ASN B 190 21.83 -2.73 14.17
N SER B 191 21.62 -3.36 15.32
CA SER B 191 22.45 -3.20 16.50
C SER B 191 22.90 -4.56 17.01
N TRP B 192 23.14 -5.49 16.09
CA TRP B 192 23.62 -6.82 16.42
C TRP B 192 25.10 -6.99 16.07
N GLY B 193 25.84 -5.89 15.99
CA GLY B 193 27.27 -5.93 15.69
C GLY B 193 27.56 -5.88 14.20
N GLU B 194 28.79 -5.50 13.88
CA GLU B 194 29.21 -5.34 12.50
C GLU B 194 29.30 -6.67 11.75
N ASN B 195 29.44 -7.77 12.49
CA ASN B 195 29.57 -9.07 11.84
C ASN B 195 28.24 -9.67 11.44
N TRP B 196 27.12 -9.07 11.85
CA TRP B 196 25.79 -9.54 11.50
C TRP B 196 25.37 -8.97 10.15
N GLY B 197 24.62 -9.77 9.40
CA GLY B 197 24.05 -9.29 8.13
C GLY B 197 25.14 -8.91 7.16
N ASN B 198 24.95 -7.76 6.51
CA ASN B 198 25.94 -7.21 5.59
C ASN B 198 26.63 -6.02 6.28
N LYS B 199 27.72 -6.30 6.98
CA LYS B 199 28.46 -5.29 7.75
C LYS B 199 27.57 -4.60 8.79
N GLY B 200 26.58 -5.33 9.31
CA GLY B 200 25.67 -4.80 10.30
C GLY B 200 24.34 -4.31 9.75
N TYR B 201 24.16 -4.35 8.43
CA TYR B 201 23.02 -3.76 7.74
C TYR B 201 22.20 -4.83 7.03
N ILE B 202 20.93 -4.52 6.79
CA ILE B 202 20.05 -5.37 6.01
C ILE B 202 19.24 -4.49 5.05
N LEU B 203 19.10 -4.95 3.82
CA LEU B 203 18.19 -4.29 2.86
C LEU B 203 16.85 -5.00 2.99
N MET B 204 15.80 -4.24 3.31
CA MET B 204 14.47 -4.79 3.55
C MET B 204 13.50 -4.30 2.48
N ALA B 205 12.62 -5.19 2.03
CA ALA B 205 11.69 -4.88 0.93
C ALA B 205 10.92 -3.60 1.18
N ARG B 206 10.87 -2.73 0.17
CA ARG B 206 10.17 -1.46 0.24
C ARG B 206 9.00 -1.47 -0.74
N ASN B 207 7.87 -0.87 -0.30
CA ASN B 207 6.62 -0.81 -1.07
C ASN B 207 6.09 -2.20 -1.43
N LYS B 208 6.26 -3.13 -0.49
CA LYS B 208 5.78 -4.50 -0.63
C LYS B 208 4.76 -4.73 0.49
N ASN B 209 3.74 -3.88 0.51
CA ASN B 209 2.70 -3.88 1.54
C ASN B 209 3.30 -3.89 2.95
N ASN B 210 4.21 -2.94 3.20
CA ASN B 210 4.65 -2.63 4.55
C ASN B 210 5.25 -3.88 5.22
N ALA B 211 6.14 -4.55 4.48
CA ALA B 211 6.68 -5.83 4.91
C ALA B 211 7.40 -5.71 6.25
N CYS B 212 7.14 -6.68 7.14
CA CYS B 212 7.66 -6.71 8.50
C CYS B 212 7.23 -5.51 9.33
N GLY B 213 6.25 -4.74 8.85
CA GLY B 213 5.74 -3.62 9.62
C GLY B 213 6.61 -2.39 9.68
N ILE B 214 7.42 -2.16 8.66
CA ILE B 214 8.52 -1.18 8.69
C ILE B 214 8.01 0.25 8.89
N ALA B 215 6.79 0.56 8.42
CA ALA B 215 6.24 1.89 8.58
C ALA B 215 5.16 1.98 9.68
N ASN B 216 5.09 1.00 10.59
CA ASN B 216 4.05 0.99 11.61
C ASN B 216 4.41 1.72 12.89
N LEU B 217 5.69 1.91 13.18
CA LEU B 217 6.11 2.55 14.41
C LEU B 217 7.40 3.32 14.13
N ALA B 218 7.30 4.25 13.19
CA ALA B 218 8.44 5.03 12.73
C ALA B 218 8.35 6.44 13.29
N SER B 219 9.49 6.98 13.71
CA SER B 219 9.52 8.32 14.29
C SER B 219 10.91 8.93 14.12
N PHE B 220 10.97 10.25 14.25
CA PHE B 220 12.26 10.94 14.26
C PHE B 220 12.24 12.07 15.28
N PRO B 221 13.40 12.41 15.85
CA PRO B 221 13.47 13.55 16.76
C PRO B 221 13.58 14.88 16.02
N LYS B 222 13.02 15.91 16.63
CA LYS B 222 13.23 17.28 16.22
C LYS B 222 14.37 17.84 17.07
N MET B 223 15.29 18.54 16.42
CA MET B 223 16.45 19.03 17.15
C MET B 223 16.63 20.52 16.90
#